data_6ATR
#
_entry.id   6ATR
#
_cell.length_a   100.163
_cell.length_b   94.487
_cell.length_c   51.782
_cell.angle_alpha   90.00
_cell.angle_beta   92.65
_cell.angle_gamma   90.00
#
_symmetry.space_group_name_H-M   'C 1 2 1'
#
loop_
_entity.id
_entity.type
_entity.pdbx_description
1 polymer 'Glutathione S-transferase A1'
2 non-polymer L-gamma-glutamyl-L-alanylglycine
3 non-polymer 2-AMINO-5-[1-(CARBOXYLATOMETHYLCARBAMOYL)-2-NITROSOSULFANYL-ETHYL]AMINO-5-OXO-PENTANOATE
4 non-polymer 1,2-ETHANEDIOL
5 water water
#
_entity_poly.entity_id   1
_entity_poly.type   'polypeptide(L)'
_entity_poly.pdbx_seq_one_letter_code
;AEKPKLHYFNARGRMESTRWLLAAAGVEFEEKFIKSAEDLDKLRNDGYLMFQQVPMVEIDGMKLVQTRAILNYIASKYNL
YGKDIKERALIDMYIEGIADLGEMILLLPVCPPEEKDAKLALIKEKIKNRYFPAFEKVLKSHGQDYLVGNKLSRADIHLV
ELLYYVEELDSSLISSFPLLKALKTRISNLPTVKKFLQPGSPRKPPMDEKSLEEARKIFRF
;
_entity_poly.pdbx_strand_id   A,B
#
# COMPACT_ATOMS: atom_id res chain seq x y z
N ALA A 1 30.81 1.00 6.66
CA ALA A 1 29.40 0.97 6.33
C ALA A 1 28.98 2.26 5.63
N GLU A 2 27.78 2.27 5.05
CA GLU A 2 27.31 3.42 4.29
C GLU A 2 25.91 3.80 4.77
N LYS A 3 25.67 5.11 4.89
CA LYS A 3 24.37 5.58 5.32
C LYS A 3 23.34 5.38 4.21
N PRO A 4 22.09 5.11 4.56
CA PRO A 4 21.03 5.13 3.54
C PRO A 4 20.97 6.51 2.90
N LYS A 5 20.69 6.54 1.60
N LYS A 5 20.66 6.52 1.60
CA LYS A 5 20.57 7.79 0.88
CA LYS A 5 20.52 7.76 0.84
C LYS A 5 19.17 7.89 0.28
C LYS A 5 19.09 7.84 0.32
N LEU A 6 18.42 8.90 0.72
N LEU A 6 18.43 8.97 0.58
CA LEU A 6 17.06 9.12 0.25
CA LEU A 6 17.01 9.18 0.28
C LEU A 6 17.10 10.01 -0.98
C LEU A 6 16.88 10.13 -0.89
N HIS A 7 16.37 9.63 -2.02
CA HIS A 7 16.20 10.41 -3.24
C HIS A 7 14.75 10.86 -3.35
N TYR A 8 14.55 12.17 -3.29
CA TYR A 8 13.21 12.76 -3.40
C TYR A 8 13.41 14.25 -3.62
N PHE A 9 12.31 14.97 -3.76
CA PHE A 9 12.47 16.43 -3.74
C PHE A 9 12.37 16.96 -2.32
N ASN A 10 12.64 18.26 -2.18
CA ASN A 10 12.74 18.88 -0.86
C ASN A 10 11.34 19.22 -0.37
N ALA A 11 10.64 18.20 0.13
CA ALA A 11 9.26 18.30 0.57
C ALA A 11 8.93 17.04 1.34
N ARG A 12 7.83 17.10 2.09
CA ARG A 12 7.30 15.92 2.79
C ARG A 12 6.94 14.84 1.78
N GLY A 13 5.86 15.06 1.04
CA GLY A 13 5.39 14.10 0.06
C GLY A 13 5.39 12.65 0.51
N ARG A 14 5.85 11.79 -0.37
CA ARG A 14 5.86 10.35 -0.13
C ARG A 14 7.12 9.86 0.56
N MET A 15 8.07 10.75 0.88
CA MET A 15 9.29 10.37 1.58
C MET A 15 9.24 10.64 3.09
N GLU A 16 8.28 11.45 3.55
CA GLU A 16 8.32 11.89 4.94
C GLU A 16 8.15 10.75 5.93
N SER A 17 7.33 9.74 5.61
CA SER A 17 7.13 8.68 6.58
C SER A 17 8.40 7.86 6.76
N THR A 18 9.24 7.78 5.71
CA THR A 18 10.53 7.12 5.82
C THR A 18 11.50 7.94 6.66
N ARG A 19 11.49 9.27 6.49
CA ARG A 19 12.30 10.12 7.34
C ARG A 19 11.94 9.92 8.80
N TRP A 20 10.64 9.91 9.12
CA TRP A 20 10.18 9.66 10.49
C TRP A 20 10.67 8.31 10.99
N LEU A 21 10.53 7.25 10.17
CA LEU A 21 10.86 5.92 10.67
C LEU A 21 12.35 5.76 10.91
N LEU A 22 13.19 6.22 9.97
CA LEU A 22 14.63 6.15 10.18
C LEU A 22 15.05 6.97 11.38
N ALA A 23 14.52 8.18 11.51
CA ALA A 23 14.90 9.01 12.66
C ALA A 23 14.47 8.37 13.97
N ALA A 24 13.24 7.84 14.03
CA ALA A 24 12.78 7.17 15.24
C ALA A 24 13.66 5.99 15.60
N ALA A 25 14.17 5.27 14.58
CA ALA A 25 15.04 4.13 14.82
C ALA A 25 16.48 4.52 15.17
N GLY A 26 16.81 5.82 15.12
CA GLY A 26 18.16 6.25 15.44
C GLY A 26 19.17 6.02 14.35
N VAL A 27 18.72 5.96 13.09
N VAL A 27 18.74 5.93 13.09
CA VAL A 27 19.58 5.63 11.95
CA VAL A 27 19.63 5.61 11.98
C VAL A 27 19.91 6.93 11.22
C VAL A 27 19.92 6.89 11.21
N GLU A 28 21.21 7.20 11.06
CA GLU A 28 21.62 8.38 10.30
C GLU A 28 21.45 8.12 8.82
N PHE A 29 20.99 9.14 8.09
CA PHE A 29 20.78 9.02 6.66
C PHE A 29 21.17 10.31 5.95
N GLU A 30 21.38 10.20 4.65
CA GLU A 30 21.66 11.33 3.78
C GLU A 30 20.50 11.50 2.81
N GLU A 31 20.32 12.72 2.30
CA GLU A 31 19.30 13.00 1.31
C GLU A 31 19.96 13.62 0.09
N LYS A 32 19.49 13.23 -1.09
CA LYS A 32 19.89 13.86 -2.34
C LYS A 32 18.64 14.45 -2.97
N PHE A 33 18.54 15.77 -2.97
CA PHE A 33 17.31 16.43 -3.38
C PHE A 33 17.28 16.60 -4.90
N ILE A 34 16.20 16.13 -5.50
CA ILE A 34 15.89 16.39 -6.90
C ILE A 34 15.36 17.83 -6.98
N LYS A 35 15.97 18.65 -7.84
CA LYS A 35 15.55 20.05 -7.94
C LYS A 35 14.93 20.41 -9.27
N SER A 36 14.95 19.50 -10.25
CA SER A 36 14.48 19.81 -11.59
C SER A 36 14.06 18.52 -12.26
N ALA A 37 13.33 18.66 -13.37
CA ALA A 37 13.00 17.50 -14.17
C ALA A 37 14.27 16.82 -14.70
N GLU A 38 15.31 17.61 -14.99
N GLU A 38 15.31 17.59 -15.01
CA GLU A 38 16.56 17.03 -15.47
CA GLU A 38 16.55 16.97 -15.48
C GLU A 38 17.18 16.12 -14.42
C GLU A 38 17.18 16.10 -14.41
N ASP A 39 17.10 16.52 -13.15
CA ASP A 39 17.64 15.68 -12.07
C ASP A 39 16.91 14.34 -12.03
N LEU A 40 15.58 14.37 -12.16
CA LEU A 40 14.82 13.13 -12.18
C LEU A 40 15.16 12.31 -13.41
N ASP A 41 15.29 12.96 -14.56
CA ASP A 41 15.66 12.23 -15.78
C ASP A 41 17.02 11.56 -15.64
N LYS A 42 17.96 12.21 -14.94
N LYS A 42 17.95 12.19 -14.90
CA LYS A 42 19.25 11.59 -14.73
CA LYS A 42 19.27 11.59 -14.72
C LYS A 42 19.11 10.28 -13.95
C LYS A 42 19.20 10.32 -13.88
N LEU A 43 18.36 10.30 -12.84
CA LEU A 43 18.15 9.07 -12.09
C LEU A 43 17.55 7.99 -12.97
N ARG A 44 16.57 8.37 -13.78
CA ARG A 44 15.96 7.42 -14.72
C ARG A 44 16.98 6.86 -15.70
N ASN A 45 17.74 7.75 -16.35
CA ASN A 45 18.64 7.32 -17.43
C ASN A 45 19.80 6.51 -16.88
N ASP A 46 20.16 6.72 -15.63
CA ASP A 46 21.23 5.99 -14.97
C ASP A 46 20.78 4.60 -14.52
N GLY A 47 19.49 4.29 -14.66
CA GLY A 47 18.96 2.98 -14.30
C GLY A 47 18.59 2.80 -12.84
N TYR A 48 18.47 3.90 -12.09
N TYR A 48 18.44 3.89 -12.10
CA TYR A 48 18.30 3.85 -10.64
CA TYR A 48 18.30 3.78 -10.65
C TYR A 48 16.88 3.51 -10.19
C TYR A 48 16.86 3.69 -10.16
N LEU A 49 15.87 3.75 -11.05
CA LEU A 49 14.46 3.76 -10.65
C LEU A 49 13.68 2.69 -11.39
N MET A 50 13.29 1.62 -10.69
CA MET A 50 12.68 0.48 -11.38
C MET A 50 11.45 0.88 -12.19
N PHE A 51 10.60 1.76 -11.64
CA PHE A 51 9.38 2.18 -12.33
C PHE A 51 9.46 3.65 -12.74
N GLN A 52 10.68 4.19 -12.82
N GLN A 52 10.66 4.21 -12.82
CA GLN A 52 10.96 5.56 -13.25
CA GLN A 52 10.88 5.57 -13.30
C GLN A 52 10.33 6.60 -12.32
C GLN A 52 10.45 6.63 -12.28
N GLN A 53 10.15 6.23 -11.05
CA GLN A 53 9.59 7.12 -10.03
C GLN A 53 10.47 7.15 -8.79
N VAL A 54 10.28 8.21 -8.01
CA VAL A 54 10.79 8.28 -6.64
C VAL A 54 9.58 8.31 -5.70
N PRO A 55 9.73 8.07 -4.39
CA PRO A 55 10.93 7.84 -3.58
C PRO A 55 11.79 6.68 -4.04
N MET A 56 13.10 6.85 -3.86
CA MET A 56 14.05 5.75 -3.95
C MET A 56 15.00 5.89 -2.77
N VAL A 57 15.37 4.77 -2.17
CA VAL A 57 16.33 4.76 -1.08
C VAL A 57 17.42 3.76 -1.42
N GLU A 58 18.68 4.21 -1.34
CA GLU A 58 19.82 3.33 -1.45
C GLU A 58 20.14 2.82 -0.05
N ILE A 59 20.00 1.51 0.17
CA ILE A 59 20.21 0.93 1.49
C ILE A 59 20.66 -0.52 1.32
N ASP A 60 21.72 -0.89 2.04
CA ASP A 60 22.18 -2.29 2.08
C ASP A 60 22.36 -2.91 0.70
N GLY A 61 22.96 -2.14 -0.21
CA GLY A 61 23.25 -2.63 -1.55
C GLY A 61 22.10 -2.61 -2.53
N MET A 62 20.92 -2.15 -2.12
CA MET A 62 19.75 -2.14 -2.97
C MET A 62 19.37 -0.70 -3.31
N LYS A 63 18.71 -0.53 -4.44
CA LYS A 63 18.04 0.73 -4.82
C LYS A 63 16.54 0.46 -4.75
N LEU A 64 15.96 0.69 -3.58
N LEU A 64 15.98 0.67 -3.57
N LEU A 64 15.94 0.74 -3.60
CA LEU A 64 14.57 0.32 -3.33
CA LEU A 64 14.58 0.35 -3.33
CA LEU A 64 14.57 0.33 -3.30
C LEU A 64 13.65 1.47 -3.68
C LEU A 64 13.72 1.51 -3.79
C LEU A 64 13.60 1.45 -3.63
N VAL A 65 12.69 1.19 -4.56
CA VAL A 65 11.59 2.12 -4.86
C VAL A 65 10.32 1.52 -4.27
N GLN A 66 9.26 2.33 -4.27
CA GLN A 66 7.96 2.01 -3.69
C GLN A 66 7.95 2.26 -2.18
N THR A 67 7.23 3.29 -1.73
CA THR A 67 7.17 3.66 -0.33
C THR A 67 7.04 2.45 0.59
N ARG A 68 6.09 1.58 0.30
CA ARG A 68 5.84 0.47 1.22
C ARG A 68 6.98 -0.53 1.26
N ALA A 69 7.65 -0.77 0.12
CA ALA A 69 8.80 -1.66 0.14
C ALA A 69 9.93 -1.09 1.00
N ILE A 70 10.21 0.20 0.83
CA ILE A 70 11.20 0.90 1.64
C ILE A 70 10.87 0.80 3.12
N LEU A 71 9.64 1.13 3.49
CA LEU A 71 9.24 1.15 4.89
C LEU A 71 9.27 -0.26 5.49
N ASN A 72 8.80 -1.26 4.74
CA ASN A 72 8.78 -2.62 5.27
C ASN A 72 10.20 -3.08 5.58
N TYR A 73 11.15 -2.76 4.69
CA TYR A 73 12.53 -3.21 4.89
C TYR A 73 13.12 -2.54 6.12
N ILE A 74 12.98 -1.22 6.22
CA ILE A 74 13.49 -0.48 7.37
C ILE A 74 12.86 -0.98 8.66
N ALA A 75 11.53 -1.16 8.66
CA ALA A 75 10.87 -1.63 9.88
C ALA A 75 11.38 -2.99 10.33
N SER A 76 11.56 -3.92 9.40
CA SER A 76 12.09 -5.23 9.76
C SER A 76 13.52 -5.12 10.24
N LYS A 77 14.35 -4.36 9.52
CA LYS A 77 15.77 -4.30 9.85
C LYS A 77 15.99 -3.79 11.26
N TYR A 78 15.19 -2.83 11.70
CA TYR A 78 15.38 -2.19 13.00
C TYR A 78 14.38 -2.65 14.06
N ASN A 79 13.75 -3.81 13.85
CA ASN A 79 12.94 -4.45 14.90
C ASN A 79 11.74 -3.61 15.29
N LEU A 80 11.09 -3.00 14.30
CA LEU A 80 9.91 -2.18 14.50
C LEU A 80 8.69 -2.77 13.80
N TYR A 81 8.72 -4.07 13.50
CA TYR A 81 7.65 -4.72 12.77
C TYR A 81 7.06 -5.90 13.55
N GLY A 82 7.06 -5.81 14.88
CA GLY A 82 6.47 -6.85 15.70
C GLY A 82 7.34 -8.09 15.78
N LYS A 83 6.88 -9.08 16.55
CA LYS A 83 7.72 -10.21 16.89
C LYS A 83 7.37 -11.49 16.15
N ASP A 84 6.22 -11.53 15.47
CA ASP A 84 5.80 -12.72 14.75
C ASP A 84 4.77 -12.30 13.71
N ILE A 85 4.31 -13.29 12.95
N ILE A 85 4.31 -13.27 12.92
CA ILE A 85 3.41 -13.09 11.81
CA ILE A 85 3.44 -12.93 11.79
C ILE A 85 2.10 -12.46 12.26
C ILE A 85 2.07 -12.44 12.26
N LYS A 86 1.60 -12.87 13.43
CA LYS A 86 0.32 -12.35 13.91
C LYS A 86 0.44 -10.89 14.36
N GLU A 87 1.52 -10.54 15.06
CA GLU A 87 1.74 -9.13 15.38
C GLU A 87 1.91 -8.31 14.12
N ARG A 88 2.59 -8.86 13.11
N ARG A 88 2.60 -8.85 13.10
CA ARG A 88 2.73 -8.12 11.86
CA ARG A 88 2.73 -8.09 11.87
C ARG A 88 1.38 -7.89 11.20
C ARG A 88 1.38 -7.89 11.19
N ALA A 89 0.46 -8.86 11.32
CA ALA A 89 -0.87 -8.68 10.75
C ALA A 89 -1.60 -7.53 11.42
N LEU A 90 -1.51 -7.43 12.74
CA LEU A 90 -2.11 -6.28 13.43
C LEU A 90 -1.45 -4.99 12.98
N ILE A 91 -0.11 -4.97 12.96
CA ILE A 91 0.60 -3.77 12.53
C ILE A 91 0.18 -3.38 11.12
N ASP A 92 0.14 -4.35 10.19
CA ASP A 92 -0.21 -4.04 8.81
C ASP A 92 -1.63 -3.50 8.70
N MET A 93 -2.56 -4.11 9.42
N MET A 93 -2.57 -4.13 9.40
CA MET A 93 -3.93 -3.61 9.38
CA MET A 93 -3.94 -3.61 9.41
C MET A 93 -4.00 -2.17 9.88
C MET A 93 -3.95 -2.15 9.84
N TYR A 94 -3.30 -1.86 10.98
CA TYR A 94 -3.35 -0.51 11.52
C TYR A 94 -2.70 0.48 10.57
N ILE A 95 -1.53 0.14 10.02
CA ILE A 95 -0.79 1.11 9.23
C ILE A 95 -1.41 1.29 7.84
N GLU A 96 -2.13 0.29 7.33
CA GLU A 96 -2.84 0.50 6.08
C GLU A 96 -4.05 1.41 6.25
N GLY A 97 -4.70 1.38 7.42
CA GLY A 97 -5.70 2.39 7.72
C GLY A 97 -5.09 3.78 7.81
N ILE A 98 -3.95 3.89 8.52
CA ILE A 98 -3.22 5.16 8.58
C ILE A 98 -2.87 5.62 7.17
N ALA A 99 -2.41 4.70 6.31
CA ALA A 99 -2.02 5.10 4.97
C ALA A 99 -3.21 5.58 4.16
N ASP A 100 -4.39 4.97 4.36
CA ASP A 100 -5.57 5.40 3.61
C ASP A 100 -5.92 6.85 3.95
N LEU A 101 -5.94 7.16 5.24
CA LEU A 101 -6.18 8.54 5.66
C LEU A 101 -5.04 9.45 5.25
N GLY A 102 -3.78 9.00 5.41
CA GLY A 102 -2.64 9.80 5.01
C GLY A 102 -2.66 10.15 3.54
N GLU A 103 -3.10 9.21 2.68
CA GLU A 103 -3.16 9.47 1.25
C GLU A 103 -4.17 10.58 0.93
N MET A 104 -5.32 10.55 1.61
N MET A 104 -5.32 10.57 1.61
CA MET A 104 -6.30 11.61 1.39
CA MET A 104 -6.29 11.63 1.36
C MET A 104 -5.69 12.98 1.71
C MET A 104 -5.73 13.00 1.74
N ILE A 105 -4.99 13.07 2.83
CA ILE A 105 -4.40 14.34 3.24
C ILE A 105 -3.27 14.72 2.30
N LEU A 106 -2.47 13.75 1.88
CA LEU A 106 -1.35 14.00 0.96
C LEU A 106 -1.82 14.66 -0.32
N LEU A 107 -2.96 14.23 -0.85
CA LEU A 107 -3.39 14.66 -2.16
C LEU A 107 -4.26 15.92 -2.13
N LEU A 108 -4.55 16.45 -0.95
CA LEU A 108 -5.30 17.69 -0.88
C LEU A 108 -4.79 18.79 -1.79
N PRO A 109 -3.48 19.05 -1.88
CA PRO A 109 -3.02 20.18 -2.72
C PRO A 109 -3.37 20.03 -4.18
N VAL A 110 -3.66 18.82 -4.66
CA VAL A 110 -3.99 18.61 -6.07
C VAL A 110 -5.48 18.38 -6.28
N CYS A 111 -6.30 18.62 -5.26
CA CYS A 111 -7.75 18.50 -5.42
C CYS A 111 -8.27 19.66 -6.26
N PRO A 112 -9.14 19.38 -7.24
CA PRO A 112 -9.72 20.48 -8.04
C PRO A 112 -10.41 21.49 -7.13
N PRO A 113 -10.21 22.78 -7.36
CA PRO A 113 -10.72 23.79 -6.42
C PRO A 113 -12.21 23.67 -6.11
N GLU A 114 -13.04 23.36 -7.11
N GLU A 114 -13.04 23.35 -7.11
CA GLU A 114 -14.47 23.26 -6.88
CA GLU A 114 -14.47 23.24 -6.90
C GLU A 114 -14.83 22.10 -5.96
C GLU A 114 -14.85 22.06 -6.04
N GLU A 115 -13.94 21.12 -5.80
CA GLU A 115 -14.21 19.97 -4.96
C GLU A 115 -13.52 20.02 -3.60
N LYS A 116 -12.69 21.03 -3.35
CA LYS A 116 -11.79 20.97 -2.20
C LYS A 116 -12.54 21.10 -0.88
N ASP A 117 -13.52 22.00 -0.80
CA ASP A 117 -14.27 22.15 0.44
C ASP A 117 -14.90 20.83 0.86
N ALA A 118 -15.58 20.15 -0.08
CA ALA A 118 -16.23 18.89 0.24
C ALA A 118 -15.21 17.79 0.58
N LYS A 119 -14.08 17.78 -0.11
CA LYS A 119 -13.07 16.77 0.17
C LYS A 119 -12.50 16.95 1.58
N LEU A 120 -12.21 18.19 1.96
CA LEU A 120 -11.71 18.46 3.31
C LEU A 120 -12.76 18.07 4.36
N ALA A 121 -14.03 18.39 4.10
CA ALA A 121 -15.07 18.04 5.06
C ALA A 121 -15.20 16.53 5.22
N LEU A 122 -15.09 15.79 4.11
CA LEU A 122 -15.21 14.34 4.20
C LEU A 122 -14.05 13.75 4.98
N ILE A 123 -12.84 14.28 4.78
CA ILE A 123 -11.68 13.83 5.55
C ILE A 123 -11.90 14.05 7.04
N LYS A 124 -12.38 15.24 7.41
CA LYS A 124 -12.60 15.51 8.82
C LYS A 124 -13.65 14.57 9.39
N GLU A 125 -14.71 14.29 8.62
N GLU A 125 -14.71 14.29 8.63
CA GLU A 125 -15.73 13.34 9.05
CA GLU A 125 -15.72 13.34 9.10
C GLU A 125 -15.15 11.95 9.27
C GLU A 125 -15.13 11.94 9.30
N LYS A 126 -14.30 11.49 8.36
CA LYS A 126 -13.69 10.17 8.52
C LYS A 126 -12.73 10.13 9.71
N ILE A 127 -11.99 11.21 9.94
CA ILE A 127 -11.13 11.26 11.12
C ILE A 127 -11.96 11.07 12.39
N LYS A 128 -13.04 11.84 12.51
N LYS A 128 -13.03 11.85 12.52
CA LYS A 128 -13.80 11.88 13.76
CA LYS A 128 -13.80 11.86 13.76
C LYS A 128 -14.65 10.62 13.94
C LYS A 128 -14.60 10.57 13.94
N ASN A 129 -15.15 10.04 12.86
CA ASN A 129 -16.11 8.95 12.96
C ASN A 129 -15.58 7.57 12.62
N ARG A 130 -14.46 7.47 11.87
CA ARG A 130 -13.92 6.19 11.44
C ARG A 130 -12.53 5.92 12.01
N TYR A 131 -11.55 6.78 11.74
CA TYR A 131 -10.15 6.45 12.05
C TYR A 131 -9.78 6.69 13.51
N PHE A 132 -10.06 7.87 14.05
CA PHE A 132 -9.70 8.09 15.45
C PHE A 132 -10.44 7.16 16.39
N PRO A 133 -11.74 6.88 16.19
CA PRO A 133 -12.38 5.86 17.04
C PRO A 133 -11.72 4.50 16.95
N ALA A 134 -11.26 4.09 15.76
CA ALA A 134 -10.64 2.77 15.63
C ALA A 134 -9.34 2.70 16.43
N PHE A 135 -8.51 3.74 16.36
CA PHE A 135 -7.25 3.68 17.09
C PHE A 135 -7.43 3.89 18.58
N GLU A 136 -8.38 4.74 18.96
CA GLU A 136 -8.68 4.89 20.38
C GLU A 136 -9.16 3.55 20.95
N LYS A 137 -9.94 2.79 20.17
CA LYS A 137 -10.43 1.50 20.63
C LYS A 137 -9.29 0.52 20.85
N VAL A 138 -8.30 0.50 19.96
CA VAL A 138 -7.13 -0.36 20.15
C VAL A 138 -6.45 -0.04 21.48
N LEU A 139 -6.12 1.23 21.70
CA LEU A 139 -5.44 1.62 22.93
C LEU A 139 -6.28 1.32 24.16
N LYS A 140 -7.60 1.50 24.08
CA LYS A 140 -8.43 1.25 25.26
C LYS A 140 -8.56 -0.25 25.51
N SER A 141 -8.45 -1.06 24.47
N SER A 141 -8.41 -1.07 24.47
N SER A 141 -8.43 -1.06 24.47
CA SER A 141 -8.65 -2.50 24.63
CA SER A 141 -8.66 -2.50 24.60
CA SER A 141 -8.65 -2.51 24.61
C SER A 141 -7.61 -3.08 25.58
C SER A 141 -7.58 -3.21 25.42
C SER A 141 -7.59 -3.18 25.45
N HIS A 142 -6.35 -2.71 25.40
CA HIS A 142 -5.27 -3.31 26.16
C HIS A 142 -4.68 -2.40 27.23
N GLY A 143 -4.98 -1.10 27.21
CA GLY A 143 -4.47 -0.17 28.20
C GLY A 143 -2.97 0.04 28.19
N GLN A 144 -2.28 -0.37 27.13
CA GLN A 144 -0.82 -0.32 27.08
C GLN A 144 -0.35 0.94 26.35
N ASP A 145 0.94 1.25 26.52
CA ASP A 145 1.50 2.49 26.01
C ASP A 145 1.75 2.47 24.50
N TYR A 146 1.70 1.30 23.87
CA TYR A 146 1.99 1.17 22.45
C TYR A 146 0.86 0.40 21.78
N LEU A 147 0.74 0.55 20.46
CA LEU A 147 -0.39 -0.06 19.77
C LEU A 147 -0.33 -1.58 19.76
N VAL A 148 0.85 -2.16 19.55
CA VAL A 148 0.99 -3.60 19.36
C VAL A 148 2.12 -4.14 20.23
N GLY A 149 1.87 -5.27 20.91
CA GLY A 149 2.94 -6.00 21.57
C GLY A 149 3.52 -5.34 22.79
N ASN A 150 2.90 -4.28 23.30
CA ASN A 150 3.42 -3.56 24.46
C ASN A 150 4.87 -3.11 24.25
N LYS A 151 5.19 -2.74 23.01
CA LYS A 151 6.54 -2.36 22.62
C LYS A 151 6.42 -1.41 21.44
N LEU A 152 7.34 -0.45 21.35
CA LEU A 152 7.36 0.47 20.22
C LEU A 152 7.39 -0.28 18.91
N SER A 153 6.51 0.10 17.97
CA SER A 153 6.58 -0.42 16.61
C SER A 153 6.38 0.71 15.63
N ARG A 154 6.55 0.36 14.34
CA ARG A 154 6.28 1.31 13.29
C ARG A 154 4.86 1.85 13.35
N ALA A 155 3.91 1.09 13.89
CA ALA A 155 2.54 1.58 13.94
C ALA A 155 2.42 2.81 14.79
N ASP A 156 3.15 2.85 15.92
CA ASP A 156 3.11 4.03 16.79
C ASP A 156 3.71 5.24 16.09
N ILE A 157 4.82 5.02 15.38
N ILE A 157 4.80 5.02 15.34
CA ILE A 157 5.50 6.10 14.65
CA ILE A 157 5.48 6.12 14.67
C ILE A 157 4.59 6.65 13.56
C ILE A 157 4.65 6.66 13.51
N HIS A 158 4.06 5.76 12.70
CA HIS A 158 3.22 6.22 11.61
C HIS A 158 1.97 6.92 12.15
N LEU A 159 1.37 6.40 13.22
CA LEU A 159 0.17 7.03 13.74
C LEU A 159 0.49 8.42 14.26
N VAL A 160 1.56 8.55 15.05
CA VAL A 160 1.87 9.84 15.65
C VAL A 160 2.23 10.87 14.57
N GLU A 161 2.95 10.44 13.52
CA GLU A 161 3.19 11.33 12.39
C GLU A 161 1.87 11.86 11.85
N LEU A 162 0.92 10.96 11.63
N LEU A 162 0.90 10.97 11.64
CA LEU A 162 -0.38 11.37 11.13
CA LEU A 162 -0.39 11.39 11.11
C LEU A 162 -1.08 12.34 12.08
C LEU A 162 -1.14 12.31 12.08
N LEU A 163 -0.98 12.10 13.39
CA LEU A 163 -1.62 13.01 14.36
C LEU A 163 -1.11 14.43 14.20
N TYR A 164 0.19 14.60 13.89
CA TYR A 164 0.71 15.95 13.62
C TYR A 164 0.03 16.57 12.39
N TYR A 165 -0.19 15.78 11.33
CA TYR A 165 -0.84 16.34 10.14
C TYR A 165 -2.30 16.67 10.41
N VAL A 166 -2.97 15.83 11.19
CA VAL A 166 -4.36 16.11 11.53
C VAL A 166 -4.45 17.39 12.34
N GLU A 167 -3.50 17.59 13.26
N GLU A 167 -3.51 17.60 13.27
CA GLU A 167 -3.48 18.81 14.06
CA GLU A 167 -3.52 18.83 14.05
C GLU A 167 -3.36 20.04 13.19
C GLU A 167 -3.39 20.04 13.16
N GLU A 168 -2.56 19.95 12.11
CA GLU A 168 -2.43 21.06 11.17
C GLU A 168 -3.74 21.37 10.47
N LEU A 169 -4.54 20.33 10.16
CA LEU A 169 -5.82 20.55 9.50
C LEU A 169 -6.84 21.16 10.45
N ASP A 170 -6.93 20.61 11.66
CA ASP A 170 -7.93 21.03 12.64
C ASP A 170 -7.50 20.47 14.00
N SER A 171 -7.03 21.36 14.89
CA SER A 171 -6.53 20.94 16.18
C SER A 171 -7.60 20.38 17.10
N SER A 172 -8.87 20.56 16.76
CA SER A 172 -9.96 20.06 17.59
C SER A 172 -10.31 18.60 17.31
N LEU A 173 -9.80 18.00 16.22
CA LEU A 173 -10.26 16.67 15.85
C LEU A 173 -9.86 15.62 16.87
N ILE A 174 -8.70 15.77 17.50
CA ILE A 174 -8.24 14.79 18.49
C ILE A 174 -8.84 15.02 19.87
N SER A 175 -9.59 16.11 20.06
N SER A 175 -9.59 16.11 20.06
CA SER A 175 -9.90 16.55 21.42
CA SER A 175 -9.95 16.55 21.41
C SER A 175 -10.71 15.52 22.22
C SER A 175 -10.67 15.48 22.21
N SER A 176 -11.55 14.72 21.57
CA SER A 176 -12.35 13.73 22.27
C SER A 176 -11.67 12.37 22.40
N PHE A 177 -10.37 12.29 22.08
CA PHE A 177 -9.63 11.03 22.02
C PHE A 177 -8.45 11.13 22.97
N PRO A 178 -8.68 11.01 24.28
CA PRO A 178 -7.58 11.20 25.24
C PRO A 178 -6.45 10.21 25.10
N LEU A 179 -6.72 8.96 24.70
CA LEU A 179 -5.62 8.00 24.59
C LEU A 179 -4.72 8.32 23.41
N LEU A 180 -5.30 8.82 22.32
CA LEU A 180 -4.49 9.29 21.20
C LEU A 180 -3.64 10.49 21.59
N LYS A 181 -4.21 11.44 22.34
N LYS A 181 -4.21 11.43 22.35
CA LYS A 181 -3.41 12.56 22.83
CA LYS A 181 -3.42 12.56 22.82
C LYS A 181 -2.23 12.06 23.64
C LYS A 181 -2.25 12.10 23.67
N ALA A 182 -2.45 11.09 24.52
CA ALA A 182 -1.38 10.61 25.37
C ALA A 182 -0.31 9.88 24.56
N LEU A 183 -0.73 9.12 23.55
CA LEU A 183 0.24 8.47 22.68
C LEU A 183 1.09 9.49 21.95
N LYS A 184 0.47 10.56 21.44
CA LYS A 184 1.22 11.59 20.75
C LYS A 184 2.29 12.16 21.66
N THR A 185 1.95 12.42 22.91
CA THR A 185 2.93 12.98 23.84
C THR A 185 4.04 11.99 24.15
N ARG A 186 3.69 10.73 24.43
N ARG A 186 3.68 10.74 24.42
CA ARG A 186 4.73 9.76 24.80
CA ARG A 186 4.66 9.72 24.79
C ARG A 186 5.70 9.54 23.64
C ARG A 186 5.66 9.49 23.67
N ILE A 187 5.17 9.31 22.43
CA ILE A 187 6.06 9.04 21.31
C ILE A 187 6.92 10.26 21.00
N SER A 188 6.34 11.46 21.09
CA SER A 188 7.10 12.68 20.83
C SER A 188 8.21 12.91 21.83
N ASN A 189 8.14 12.30 23.01
N ASN A 189 8.16 12.29 23.00
CA ASN A 189 9.17 12.44 24.03
CA ASN A 189 9.20 12.45 24.02
C ASN A 189 10.30 11.42 23.90
C ASN A 189 10.26 11.35 23.99
N LEU A 190 10.14 10.36 23.12
CA LEU A 190 11.23 9.41 22.95
C LEU A 190 12.45 10.17 22.42
N PRO A 191 13.65 9.93 22.97
CA PRO A 191 14.81 10.76 22.57
C PRO A 191 14.98 10.97 21.07
N THR A 192 14.89 9.90 20.27
CA THR A 192 15.10 10.03 18.83
C THR A 192 14.00 10.88 18.19
N VAL A 193 12.76 10.68 18.61
CA VAL A 193 11.65 11.44 18.03
C VAL A 193 11.70 12.88 18.49
N LYS A 194 12.01 13.11 19.76
CA LYS A 194 12.16 14.47 20.27
C LYS A 194 13.19 15.25 19.44
N LYS A 195 14.32 14.62 19.12
N LYS A 195 14.34 14.64 19.17
CA LYS A 195 15.35 15.32 18.34
CA LYS A 195 15.34 15.30 18.35
C LYS A 195 14.94 15.53 16.89
C LYS A 195 14.79 15.61 16.96
N PHE A 196 14.14 14.63 16.33
CA PHE A 196 13.60 14.83 14.99
C PHE A 196 12.57 15.96 14.96
N LEU A 197 11.83 16.16 16.05
CA LEU A 197 10.86 17.24 16.12
C LEU A 197 11.49 18.62 16.35
N GLN A 198 12.73 18.67 16.82
N GLN A 198 12.73 18.67 16.82
CA GLN A 198 13.42 19.96 17.05
CA GLN A 198 13.40 19.96 17.05
C GLN A 198 13.89 20.52 15.71
C GLN A 198 13.90 20.52 15.73
N PRO A 199 14.24 21.79 15.70
CA PRO A 199 14.72 22.38 14.44
C PRO A 199 16.01 21.74 13.95
N GLY A 200 16.22 21.86 12.63
CA GLY A 200 17.47 21.44 12.03
C GLY A 200 17.54 19.99 11.66
N SER A 201 16.48 19.24 11.90
CA SER A 201 16.44 17.83 11.53
C SER A 201 15.98 17.71 10.08
N PRO A 202 15.97 16.49 9.51
CA PRO A 202 15.40 16.31 8.18
C PRO A 202 13.89 16.45 8.09
N ARG A 203 13.19 16.65 9.20
CA ARG A 203 11.74 16.79 9.14
C ARG A 203 11.37 17.98 8.25
N LYS A 204 10.33 17.80 7.40
CA LYS A 204 10.01 18.79 6.40
C LYS A 204 8.73 19.54 6.77
N PRO A 205 8.59 20.78 6.29
CA PRO A 205 7.41 21.58 6.64
C PRO A 205 6.23 21.24 5.74
N PRO A 206 5.04 21.73 6.06
N PRO A 206 5.05 21.76 6.04
CA PRO A 206 3.91 21.60 5.14
CA PRO A 206 3.93 21.63 5.10
C PRO A 206 4.25 22.21 3.79
C PRO A 206 4.30 22.23 3.76
N MET A 207 3.77 21.56 2.73
N MET A 207 3.80 21.60 2.69
CA MET A 207 4.02 22.04 1.37
CA MET A 207 4.07 22.04 1.33
C MET A 207 3.35 23.39 1.12
C MET A 207 3.36 23.35 1.03
N ASP A 208 4.14 24.36 0.66
CA ASP A 208 3.58 25.65 0.29
C ASP A 208 3.40 25.75 -1.22
N GLU A 209 2.88 26.88 -1.67
N GLU A 209 2.86 26.88 -1.66
CA GLU A 209 2.61 27.05 -3.10
CA GLU A 209 2.62 27.10 -3.08
C GLU A 209 3.91 26.96 -3.92
C GLU A 209 3.91 26.95 -3.89
N LYS A 210 5.00 27.53 -3.40
CA LYS A 210 6.27 27.47 -4.12
C LYS A 210 6.73 26.02 -4.28
N SER A 211 6.55 25.20 -3.24
CA SER A 211 6.98 23.81 -3.31
C SER A 211 6.09 23.01 -4.24
N LEU A 212 4.79 23.27 -4.23
CA LEU A 212 3.88 22.62 -5.17
C LEU A 212 4.26 22.96 -6.61
N GLU A 213 4.59 24.22 -6.87
N GLU A 213 4.59 24.23 -6.88
CA GLU A 213 5.01 24.60 -8.22
CA GLU A 213 5.01 24.61 -8.22
C GLU A 213 6.27 23.86 -8.63
C GLU A 213 6.27 23.85 -8.63
N GLU A 214 7.22 23.70 -7.69
CA GLU A 214 8.41 22.91 -7.97
C GLU A 214 8.06 21.48 -8.30
N ALA A 215 7.12 20.88 -7.56
CA ALA A 215 6.69 19.51 -7.87
C ALA A 215 6.10 19.43 -9.26
N ARG A 216 5.29 20.41 -9.65
CA ARG A 216 4.70 20.39 -10.99
C ARG A 216 5.77 20.40 -12.06
N LYS A 217 6.85 21.17 -11.85
CA LYS A 217 7.93 21.21 -12.84
C LYS A 217 8.73 19.91 -12.84
N ILE A 218 9.06 19.38 -11.66
CA ILE A 218 9.89 18.18 -11.59
C ILE A 218 9.16 16.98 -12.17
N PHE A 219 7.90 16.78 -11.77
CA PHE A 219 7.17 15.57 -12.12
C PHE A 219 6.24 15.77 -13.30
N ARG A 220 6.25 16.97 -13.89
CA ARG A 220 5.57 17.26 -15.16
C ARG A 220 4.06 16.98 -15.05
N PHE A 221 3.42 17.77 -14.20
CA PHE A 221 1.96 17.72 -14.06
C PHE A 221 1.40 19.11 -13.78
N GLU B 2 -9.75 -25.24 10.23
CA GLU B 2 -10.54 -24.05 9.96
C GLU B 2 -10.18 -23.43 8.60
N LYS B 3 -11.17 -23.33 7.72
CA LYS B 3 -10.95 -22.67 6.44
C LYS B 3 -10.99 -21.16 6.63
N PRO B 4 -10.10 -20.41 5.98
CA PRO B 4 -10.29 -18.96 5.95
C PRO B 4 -11.64 -18.63 5.34
N LYS B 5 -12.26 -17.58 5.85
CA LYS B 5 -13.57 -17.14 5.38
C LYS B 5 -13.42 -15.72 4.84
N LEU B 6 -13.77 -15.53 3.57
CA LEU B 6 -13.57 -14.28 2.87
C LEU B 6 -14.90 -13.53 2.81
N HIS B 7 -14.94 -12.34 3.39
CA HIS B 7 -16.11 -11.49 3.39
C HIS B 7 -15.96 -10.38 2.36
N TYR B 8 -16.79 -10.40 1.34
CA TYR B 8 -16.76 -9.42 0.27
C TYR B 8 -18.04 -9.58 -0.52
N PHE B 9 -18.21 -8.77 -1.56
CA PHE B 9 -19.34 -9.03 -2.44
C PHE B 9 -18.92 -9.95 -3.58
N ASN B 10 -19.90 -10.39 -4.38
CA ASN B 10 -19.65 -11.40 -5.40
C ASN B 10 -19.08 -10.71 -6.64
N ALA B 11 -17.77 -10.47 -6.58
CA ALA B 11 -17.05 -9.75 -7.62
C ALA B 11 -15.56 -9.87 -7.34
N ARG B 12 -14.75 -9.53 -8.33
CA ARG B 12 -13.29 -9.46 -8.15
C ARG B 12 -12.92 -8.42 -7.10
N GLY B 13 -13.08 -7.15 -7.46
CA GLY B 13 -12.76 -6.04 -6.57
C GLY B 13 -11.42 -6.19 -5.88
N ARG B 14 -11.43 -5.86 -4.59
CA ARG B 14 -10.22 -5.88 -3.78
C ARG B 14 -9.96 -7.22 -3.13
N MET B 15 -10.81 -8.23 -3.39
CA MET B 15 -10.64 -9.56 -2.81
C MET B 15 -10.00 -10.55 -3.76
N GLU B 16 -9.95 -10.23 -5.05
CA GLU B 16 -9.53 -11.23 -6.05
C GLU B 16 -8.07 -11.64 -5.87
N SER B 17 -7.19 -10.71 -5.50
CA SER B 17 -5.79 -11.10 -5.37
C SER B 17 -5.59 -12.07 -4.21
N THR B 18 -6.45 -11.98 -3.18
N THR B 18 -6.42 -12.02 -3.18
CA THR B 18 -6.43 -12.93 -2.07
CA THR B 18 -6.30 -13.02 -2.11
C THR B 18 -6.93 -14.30 -2.53
C THR B 18 -7.01 -14.33 -2.45
N ARG B 19 -7.98 -14.33 -3.36
CA ARG B 19 -8.47 -15.60 -3.90
C ARG B 19 -7.36 -16.29 -4.69
N TRP B 20 -6.66 -15.52 -5.55
CA TRP B 20 -5.54 -16.07 -6.31
C TRP B 20 -4.45 -16.62 -5.39
N LEU B 21 -4.08 -15.86 -4.37
CA LEU B 21 -2.95 -16.27 -3.55
C LEU B 21 -3.29 -17.50 -2.74
N LEU B 22 -4.48 -17.54 -2.14
CA LEU B 22 -4.90 -18.72 -1.39
C LEU B 22 -4.98 -19.93 -2.30
N ALA B 23 -5.58 -19.77 -3.47
CA ALA B 23 -5.70 -20.91 -4.39
C ALA B 23 -4.32 -21.38 -4.84
N ALA B 24 -3.44 -20.44 -5.17
CA ALA B 24 -2.08 -20.80 -5.59
C ALA B 24 -1.37 -21.58 -4.49
N ALA B 25 -1.61 -21.23 -3.23
CA ALA B 25 -1.01 -21.92 -2.09
C ALA B 25 -1.70 -23.24 -1.76
N GLY B 26 -2.75 -23.61 -2.49
CA GLY B 26 -3.44 -24.85 -2.23
C GLY B 26 -4.35 -24.83 -1.01
N VAL B 27 -4.84 -23.65 -0.64
CA VAL B 27 -5.60 -23.48 0.61
C VAL B 27 -7.07 -23.34 0.25
N GLU B 28 -7.88 -24.29 0.74
N GLU B 28 -7.89 -24.29 0.73
CA GLU B 28 -9.32 -24.20 0.57
CA GLU B 28 -9.32 -24.17 0.51
C GLU B 28 -9.88 -23.08 1.44
C GLU B 28 -9.90 -23.11 1.43
N PHE B 29 -10.81 -22.31 0.88
CA PHE B 29 -11.43 -21.22 1.63
C PHE B 29 -12.94 -21.21 1.39
N GLU B 30 -13.63 -20.54 2.28
N GLU B 30 -13.64 -20.50 2.25
CA GLU B 30 -15.05 -20.27 2.13
CA GLU B 30 -15.08 -20.30 2.16
C GLU B 30 -15.23 -18.79 1.85
C GLU B 30 -15.36 -18.80 2.02
N GLU B 31 -16.35 -18.47 1.21
CA GLU B 31 -16.73 -17.07 0.98
C GLU B 31 -18.11 -16.82 1.56
N LYS B 32 -18.30 -15.65 2.16
N LYS B 32 -18.30 -15.65 2.16
CA LYS B 32 -19.61 -15.19 2.60
CA LYS B 32 -19.60 -15.17 2.60
C LYS B 32 -19.90 -13.90 1.86
C LYS B 32 -19.88 -13.89 1.84
N PHE B 33 -20.82 -13.96 0.89
CA PHE B 33 -21.08 -12.83 0.01
C PHE B 33 -22.02 -11.84 0.66
N ILE B 34 -21.57 -10.58 0.74
CA ILE B 34 -22.43 -9.45 1.07
C ILE B 34 -23.31 -9.16 -0.15
N LYS B 35 -24.62 -9.07 0.07
CA LYS B 35 -25.52 -8.84 -1.05
C LYS B 35 -26.28 -7.52 -0.98
N SER B 36 -26.14 -6.78 0.11
CA SER B 36 -26.89 -5.55 0.33
C SER B 36 -26.12 -4.66 1.31
N ALA B 37 -26.51 -3.38 1.34
CA ALA B 37 -25.98 -2.49 2.36
C ALA B 37 -26.30 -2.99 3.77
N GLU B 38 -27.45 -3.65 3.93
CA GLU B 38 -27.82 -4.17 5.24
C GLU B 38 -26.87 -5.28 5.68
N ASP B 39 -26.44 -6.13 4.73
CA ASP B 39 -25.46 -7.15 5.04
C ASP B 39 -24.16 -6.52 5.53
N LEU B 40 -23.72 -5.44 4.89
CA LEU B 40 -22.49 -4.77 5.32
C LEU B 40 -22.68 -4.10 6.67
N ASP B 41 -23.83 -3.46 6.88
CA ASP B 41 -24.10 -2.82 8.16
C ASP B 41 -24.10 -3.83 9.30
N LYS B 42 -24.53 -5.07 9.03
CA LYS B 42 -24.49 -6.09 10.07
C LYS B 42 -23.06 -6.43 10.48
N LEU B 43 -22.17 -6.63 9.50
CA LEU B 43 -20.76 -6.82 9.81
C LEU B 43 -20.20 -5.66 10.61
N ARG B 44 -20.54 -4.42 10.21
CA ARG B 44 -20.06 -3.26 10.95
C ARG B 44 -20.56 -3.28 12.39
N ASN B 45 -21.85 -3.45 12.56
CA ASN B 45 -22.48 -3.41 13.89
C ASN B 45 -22.02 -4.49 14.82
N ASP B 46 -21.69 -5.64 14.29
CA ASP B 46 -21.21 -6.75 15.11
C ASP B 46 -19.71 -6.67 15.39
N GLY B 47 -19.06 -5.58 15.00
CA GLY B 47 -17.68 -5.32 15.36
C GLY B 47 -16.64 -6.06 14.56
N TYR B 48 -16.99 -6.56 13.37
CA TYR B 48 -16.08 -7.37 12.56
C TYR B 48 -15.10 -6.56 11.73
N LEU B 49 -15.31 -5.25 11.55
CA LEU B 49 -14.56 -4.48 10.56
C LEU B 49 -13.88 -3.28 11.23
N MET B 50 -12.55 -3.36 11.38
CA MET B 50 -11.85 -2.31 12.12
C MET B 50 -12.12 -0.92 11.58
N PHE B 51 -12.12 -0.76 10.26
CA PHE B 51 -12.34 0.55 9.64
C PHE B 51 -13.67 0.60 8.91
N GLN B 52 -14.59 -0.29 9.29
CA GLN B 52 -15.95 -0.32 8.73
C GLN B 52 -15.97 -0.68 7.25
N GLN B 53 -14.91 -1.30 6.73
CA GLN B 53 -14.80 -1.66 5.33
C GLN B 53 -14.49 -3.14 5.17
N VAL B 54 -14.79 -3.64 3.97
CA VAL B 54 -14.28 -4.94 3.51
C VAL B 54 -13.31 -4.66 2.37
N PRO B 55 -12.46 -5.61 1.96
CA PRO B 55 -12.32 -7.01 2.35
C PRO B 55 -12.07 -7.24 3.83
N MET B 56 -12.60 -8.35 4.32
CA MET B 56 -12.23 -8.87 5.63
C MET B 56 -12.08 -10.38 5.49
N VAL B 57 -11.06 -10.93 6.14
CA VAL B 57 -10.83 -12.38 6.12
C VAL B 57 -10.72 -12.85 7.56
N GLU B 58 -11.52 -13.87 7.90
CA GLU B 58 -11.39 -14.55 9.18
C GLU B 58 -10.39 -15.67 8.98
N ILE B 59 -9.25 -15.58 9.67
CA ILE B 59 -8.17 -16.54 9.53
C ILE B 59 -7.41 -16.60 10.85
N ASP B 60 -7.19 -17.81 11.34
CA ASP B 60 -6.35 -18.02 12.52
C ASP B 60 -6.79 -17.18 13.70
N GLY B 61 -8.11 -17.05 13.87
CA GLY B 61 -8.68 -16.34 14.99
C GLY B 61 -8.69 -14.83 14.87
N MET B 62 -8.20 -14.28 13.77
N MET B 62 -8.27 -14.29 13.74
CA MET B 62 -8.19 -12.85 13.53
CA MET B 62 -8.19 -12.84 13.54
C MET B 62 -9.33 -12.49 12.59
C MET B 62 -9.19 -12.42 12.48
N LYS B 63 -9.80 -11.25 12.69
CA LYS B 63 -10.71 -10.65 11.71
C LYS B 63 -9.90 -9.57 11.00
N LEU B 64 -9.24 -9.96 9.92
N LEU B 64 -9.20 -9.99 9.95
CA LEU B 64 -8.19 -9.13 9.31
CA LEU B 64 -8.23 -9.13 9.29
C LEU B 64 -8.74 -8.32 8.14
C LEU B 64 -8.92 -8.31 8.21
N VAL B 65 -8.72 -7.00 8.28
CA VAL B 65 -9.10 -6.13 7.19
C VAL B 65 -7.84 -5.52 6.59
N GLN B 66 -8.03 -4.83 5.48
CA GLN B 66 -6.98 -4.19 4.66
C GLN B 66 -6.30 -5.22 3.77
N THR B 67 -6.54 -5.08 2.47
CA THR B 67 -5.99 -5.99 1.46
C THR B 67 -4.54 -6.40 1.71
N ARG B 68 -3.69 -5.43 1.94
CA ARG B 68 -2.26 -5.69 2.14
C ARG B 68 -1.97 -6.44 3.41
N ALA B 69 -2.70 -6.16 4.48
CA ALA B 69 -2.51 -6.93 5.70
C ALA B 69 -2.90 -8.38 5.50
N ILE B 70 -4.03 -8.61 4.83
CA ILE B 70 -4.49 -9.95 4.50
C ILE B 70 -3.45 -10.68 3.65
N LEU B 71 -3.01 -10.04 2.57
CA LEU B 71 -2.07 -10.70 1.66
C LEU B 71 -0.73 -10.96 2.32
N ASN B 72 -0.22 -9.99 3.08
CA ASN B 72 1.07 -10.19 3.73
C ASN B 72 1.03 -11.38 4.69
N TYR B 73 -0.07 -11.52 5.43
CA TYR B 73 -0.18 -12.62 6.38
C TYR B 73 -0.22 -13.96 5.65
N ILE B 74 -1.08 -14.07 4.63
CA ILE B 74 -1.18 -15.31 3.86
C ILE B 74 0.16 -15.65 3.21
N ALA B 75 0.82 -14.65 2.62
CA ALA B 75 2.08 -14.93 1.95
C ALA B 75 3.13 -15.44 2.93
N SER B 76 3.22 -14.82 4.11
CA SER B 76 4.18 -15.29 5.09
C SER B 76 3.81 -16.69 5.59
N LYS B 77 2.54 -16.91 5.88
CA LYS B 77 2.12 -18.18 6.47
C LYS B 77 2.44 -19.35 5.54
N TYR B 78 2.29 -19.15 4.23
CA TYR B 78 2.47 -20.21 3.25
C TYR B 78 3.79 -20.11 2.50
N ASN B 79 4.77 -19.42 3.08
CA ASN B 79 6.14 -19.43 2.55
C ASN B 79 6.22 -18.92 1.13
N LEU B 80 5.43 -17.89 0.83
CA LEU B 80 5.42 -17.25 -0.48
C LEU B 80 5.93 -15.81 -0.42
N TYR B 81 6.68 -15.46 0.62
CA TYR B 81 7.13 -14.08 0.82
C TYR B 81 8.65 -14.00 0.89
N GLY B 82 9.35 -14.92 0.22
CA GLY B 82 10.80 -14.92 0.19
C GLY B 82 11.42 -15.53 1.44
N LYS B 83 12.75 -15.65 1.41
CA LYS B 83 13.46 -16.35 2.48
C LYS B 83 14.06 -15.44 3.54
N ASP B 84 14.15 -14.14 3.28
CA ASP B 84 14.77 -13.21 4.22
C ASP B 84 14.31 -11.81 3.86
N ILE B 85 14.73 -10.83 4.66
N ILE B 85 14.80 -10.85 4.64
CA ILE B 85 14.18 -9.48 4.45
CA ILE B 85 14.36 -9.46 4.55
C ILE B 85 14.69 -8.83 3.17
C ILE B 85 14.69 -8.87 3.19
N LYS B 86 15.85 -9.22 2.63
CA LYS B 86 16.24 -8.67 1.34
C LYS B 86 15.39 -9.23 0.21
N GLU B 87 15.09 -10.53 0.22
CA GLU B 87 14.16 -11.08 -0.77
C GLU B 87 12.77 -10.44 -0.64
N ARG B 88 12.31 -10.23 0.60
N ARG B 88 12.32 -10.23 0.60
CA ARG B 88 11.03 -9.56 0.77
CA ARG B 88 11.03 -9.56 0.79
C ARG B 88 11.06 -8.14 0.20
C ARG B 88 11.07 -8.16 0.20
N ALA B 89 12.20 -7.47 0.32
CA ALA B 89 12.31 -6.12 -0.24
C ALA B 89 12.13 -6.12 -1.75
N LEU B 90 12.75 -7.08 -2.45
CA LEU B 90 12.54 -7.20 -3.89
C LEU B 90 11.09 -7.53 -4.19
N ILE B 91 10.52 -8.50 -3.47
CA ILE B 91 9.12 -8.86 -3.67
C ILE B 91 8.22 -7.66 -3.48
N ASP B 92 8.43 -6.93 -2.37
CA ASP B 92 7.59 -5.77 -2.08
C ASP B 92 7.70 -4.71 -3.17
N MET B 93 8.93 -4.42 -3.61
N MET B 93 8.93 -4.42 -3.63
CA MET B 93 9.10 -3.44 -4.68
CA MET B 93 9.07 -3.42 -4.69
C MET B 93 8.33 -3.86 -5.93
C MET B 93 8.32 -3.85 -5.95
N TYR B 94 8.43 -5.13 -6.31
CA TYR B 94 7.78 -5.61 -7.53
C TYR B 94 6.26 -5.57 -7.37
N ILE B 95 5.75 -6.05 -6.23
CA ILE B 95 4.31 -6.18 -6.08
C ILE B 95 3.64 -4.83 -5.84
N GLU B 96 4.38 -3.84 -5.32
N GLU B 96 4.37 -3.84 -5.34
CA GLU B 96 3.81 -2.51 -5.21
CA GLU B 96 3.77 -2.51 -5.24
C GLU B 96 3.68 -1.84 -6.58
C GLU B 96 3.73 -1.78 -6.57
N GLY B 97 4.62 -2.11 -7.49
CA GLY B 97 4.45 -1.66 -8.86
C GLY B 97 3.24 -2.32 -9.50
N ILE B 98 3.10 -3.64 -9.30
CA ILE B 98 1.91 -4.35 -9.78
C ILE B 98 0.65 -3.73 -9.20
N ALA B 99 0.65 -3.41 -7.90
CA ALA B 99 -0.53 -2.84 -7.26
C ALA B 99 -0.85 -1.46 -7.82
N ASP B 100 0.16 -0.65 -8.13
CA ASP B 100 -0.12 0.67 -8.71
C ASP B 100 -0.88 0.53 -10.01
N LEU B 101 -0.41 -0.36 -10.89
CA LEU B 101 -1.10 -0.58 -12.16
C LEU B 101 -2.43 -1.27 -11.94
N GLY B 102 -2.48 -2.25 -11.06
CA GLY B 102 -3.72 -2.94 -10.76
C GLY B 102 -4.80 -2.00 -10.23
N GLU B 103 -4.40 -1.01 -9.42
CA GLU B 103 -5.36 -0.05 -8.89
C GLU B 103 -5.98 0.78 -10.00
N MET B 104 -5.18 1.19 -10.97
N MET B 104 -5.18 1.20 -10.97
CA MET B 104 -5.72 1.92 -12.11
CA MET B 104 -5.76 1.94 -12.10
C MET B 104 -6.78 1.09 -12.82
C MET B 104 -6.78 1.10 -12.84
N ILE B 105 -6.49 -0.19 -13.05
CA ILE B 105 -7.41 -1.07 -13.76
C ILE B 105 -8.66 -1.32 -12.92
N LEU B 106 -8.48 -1.52 -11.62
CA LEU B 106 -9.59 -1.78 -10.71
C LEU B 106 -10.61 -0.67 -10.75
N LEU B 107 -10.15 0.57 -10.84
CA LEU B 107 -11.03 1.72 -10.72
C LEU B 107 -11.62 2.17 -12.06
N LEU B 108 -11.26 1.52 -13.17
CA LEU B 108 -11.85 1.89 -14.46
C LEU B 108 -13.36 1.94 -14.44
N PRO B 109 -14.09 1.00 -13.82
CA PRO B 109 -15.56 1.07 -13.86
C PRO B 109 -16.14 2.34 -13.26
N VAL B 110 -15.43 3.00 -12.35
N VAL B 110 -15.44 3.01 -12.34
CA VAL B 110 -15.93 4.21 -11.69
CA VAL B 110 -15.94 4.22 -11.70
C VAL B 110 -15.40 5.49 -12.32
C VAL B 110 -15.30 5.48 -12.27
N CYS B 111 -14.58 5.38 -13.36
CA CYS B 111 -14.02 6.56 -14.00
C CYS B 111 -15.15 7.43 -14.54
N PRO B 112 -15.11 8.74 -14.34
CA PRO B 112 -16.10 9.63 -14.98
C PRO B 112 -16.12 9.38 -16.48
N PRO B 113 -17.31 9.28 -17.10
CA PRO B 113 -17.33 8.90 -18.52
C PRO B 113 -16.55 9.81 -19.41
N GLU B 114 -16.49 11.11 -19.09
CA GLU B 114 -15.75 12.05 -19.91
C GLU B 114 -14.25 11.91 -19.74
N GLU B 115 -13.79 11.16 -18.75
CA GLU B 115 -12.36 10.91 -18.57
C GLU B 115 -11.94 9.50 -18.98
N LYS B 116 -12.89 8.64 -19.36
N LYS B 116 -12.86 8.64 -19.39
CA LYS B 116 -12.59 7.23 -19.55
CA LYS B 116 -12.53 7.21 -19.51
C LYS B 116 -11.59 7.01 -20.67
C LYS B 116 -11.64 6.92 -20.72
N ASP B 117 -11.84 7.61 -21.85
CA ASP B 117 -10.98 7.36 -22.99
C ASP B 117 -9.53 7.66 -22.64
N ALA B 118 -9.30 8.80 -21.99
CA ALA B 118 -7.95 9.21 -21.63
C ALA B 118 -7.37 8.28 -20.58
N LYS B 119 -8.14 7.79 -19.63
N LYS B 119 -8.17 7.83 -19.61
CA LYS B 119 -7.63 6.95 -18.57
CA LYS B 119 -7.62 6.98 -18.57
C LYS B 119 -7.23 5.61 -19.12
C LYS B 119 -7.23 5.62 -19.11
N LEU B 120 -8.04 5.05 -20.02
CA LEU B 120 -7.67 3.78 -20.63
C LEU B 120 -6.41 3.94 -21.47
N ALA B 121 -6.32 5.02 -22.24
CA ALA B 121 -5.13 5.23 -23.06
C ALA B 121 -3.88 5.35 -22.21
N LEU B 122 -3.98 6.04 -21.07
CA LEU B 122 -2.84 6.20 -20.18
C LEU B 122 -2.43 4.86 -19.56
N ILE B 123 -3.40 4.05 -19.16
CA ILE B 123 -3.09 2.73 -18.62
C ILE B 123 -2.31 1.90 -19.64
N LYS B 124 -2.78 1.89 -20.89
CA LYS B 124 -2.11 1.10 -21.91
C LYS B 124 -0.70 1.61 -22.16
N GLU B 125 -0.52 2.93 -22.14
N GLU B 125 -0.50 2.91 -22.15
CA GLU B 125 0.81 3.51 -22.31
CA GLU B 125 0.82 3.49 -22.31
C GLU B 125 1.74 3.09 -21.19
C GLU B 125 1.75 3.10 -21.17
N LYS B 126 1.25 3.14 -19.95
CA LYS B 126 2.08 2.73 -18.81
C LYS B 126 2.41 1.25 -18.86
N ILE B 127 1.47 0.41 -19.33
CA ILE B 127 1.76 -1.01 -19.44
C ILE B 127 2.93 -1.24 -20.40
N LYS B 128 2.85 -0.63 -21.57
CA LYS B 128 3.82 -0.89 -22.64
C LYS B 128 5.16 -0.21 -22.38
N ASN B 129 5.15 0.97 -21.76
CA ASN B 129 6.37 1.77 -21.63
C ASN B 129 7.00 1.71 -20.25
N ARG B 130 6.24 1.42 -19.19
CA ARG B 130 6.73 1.46 -17.82
C ARG B 130 6.73 0.10 -17.16
N TYR B 131 5.59 -0.57 -17.05
CA TYR B 131 5.49 -1.75 -16.18
C TYR B 131 5.99 -3.03 -16.86
N PHE B 132 5.51 -3.32 -18.08
CA PHE B 132 6.00 -4.53 -18.73
C PHE B 132 7.49 -4.48 -18.97
N PRO B 133 8.08 -3.37 -19.41
CA PRO B 133 9.54 -3.34 -19.52
C PRO B 133 10.24 -3.60 -18.20
N ALA B 134 9.72 -3.09 -17.09
CA ALA B 134 10.39 -3.31 -15.82
C ALA B 134 10.44 -4.79 -15.44
N PHE B 135 9.32 -5.50 -15.63
CA PHE B 135 9.31 -6.90 -15.24
C PHE B 135 10.06 -7.80 -16.22
N GLU B 136 9.97 -7.48 -17.52
CA GLU B 136 10.78 -8.20 -18.50
C GLU B 136 12.25 -8.07 -18.16
N LYS B 137 12.67 -6.88 -17.72
CA LYS B 137 14.07 -6.65 -17.37
C LYS B 137 14.50 -7.50 -16.18
N VAL B 138 13.64 -7.64 -15.17
CA VAL B 138 13.97 -8.51 -14.03
C VAL B 138 14.22 -9.93 -14.50
N LEU B 139 13.28 -10.47 -15.27
CA LEU B 139 13.40 -11.84 -15.75
C LEU B 139 14.63 -12.01 -16.64
N LYS B 140 14.92 -11.01 -17.47
CA LYS B 140 16.09 -11.12 -18.35
C LYS B 140 17.38 -11.06 -17.57
N SER B 141 17.41 -10.34 -16.45
N SER B 141 17.39 -10.29 -16.47
CA SER B 141 18.68 -10.13 -15.75
CA SER B 141 18.60 -10.10 -15.68
C SER B 141 19.18 -11.37 -15.02
C SER B 141 19.15 -11.43 -15.18
N HIS B 142 18.28 -12.24 -14.56
CA HIS B 142 18.71 -13.48 -13.93
C HIS B 142 18.40 -14.74 -14.73
N GLY B 143 17.54 -14.66 -15.74
CA GLY B 143 17.25 -15.80 -16.58
C GLY B 143 16.52 -16.94 -15.91
N GLN B 144 15.99 -16.73 -14.70
CA GLN B 144 15.36 -17.78 -13.92
C GLN B 144 13.86 -17.82 -14.18
N ASP B 145 13.24 -18.92 -13.78
CA ASP B 145 11.83 -19.14 -14.07
C ASP B 145 10.89 -18.34 -13.17
N TYR B 146 11.40 -17.75 -12.09
CA TYR B 146 10.59 -17.01 -11.12
C TYR B 146 11.19 -15.64 -10.90
N LEU B 147 10.37 -14.72 -10.37
CA LEU B 147 10.83 -13.35 -10.25
C LEU B 147 11.93 -13.19 -9.19
N VAL B 148 11.78 -13.83 -8.03
CA VAL B 148 12.66 -13.63 -6.89
C VAL B 148 13.09 -14.97 -6.32
N GLY B 149 14.39 -15.10 -6.05
CA GLY B 149 14.90 -16.24 -5.30
C GLY B 149 14.92 -17.54 -6.05
N ASN B 150 14.63 -17.53 -7.35
CA ASN B 150 14.58 -18.76 -8.16
C ASN B 150 13.57 -19.76 -7.61
N LYS B 151 12.46 -19.25 -7.09
CA LYS B 151 11.47 -20.09 -6.43
C LYS B 151 10.16 -19.33 -6.44
N LEU B 152 9.05 -20.07 -6.52
CA LEU B 152 7.73 -19.45 -6.58
C LEU B 152 7.51 -18.53 -5.39
N SER B 153 6.99 -17.34 -5.65
CA SER B 153 6.63 -16.41 -4.61
C SER B 153 5.34 -15.70 -4.98
N ARG B 154 4.83 -14.92 -4.02
CA ARG B 154 3.64 -14.14 -4.30
C ARG B 154 3.86 -13.19 -5.47
N ALA B 155 5.10 -12.78 -5.73
CA ALA B 155 5.31 -11.86 -6.84
C ALA B 155 4.91 -12.49 -8.16
N ASP B 156 5.21 -13.77 -8.35
CA ASP B 156 4.84 -14.43 -9.60
C ASP B 156 3.33 -14.54 -9.71
N ILE B 157 2.66 -14.84 -8.59
N ILE B 157 2.66 -14.83 -8.59
CA ILE B 157 1.21 -14.99 -8.60
CA ILE B 157 1.21 -14.99 -8.60
C ILE B 157 0.53 -13.66 -8.90
C ILE B 157 0.52 -13.66 -8.89
N HIS B 158 0.95 -12.59 -8.21
CA HIS B 158 0.32 -11.29 -8.44
C HIS B 158 0.60 -10.80 -9.86
N LEU B 159 1.81 -11.02 -10.38
CA LEU B 159 2.11 -10.57 -11.73
C LEU B 159 1.25 -11.32 -12.75
N VAL B 160 1.15 -12.63 -12.61
CA VAL B 160 0.40 -13.40 -13.61
C VAL B 160 -1.08 -13.05 -13.56
N GLU B 161 -1.64 -12.83 -12.36
CA GLU B 161 -3.01 -12.32 -12.27
C GLU B 161 -3.16 -11.05 -13.09
N LEU B 162 -2.26 -10.09 -12.90
CA LEU B 162 -2.31 -8.85 -13.67
C LEU B 162 -2.21 -9.11 -15.18
N LEU B 163 -1.38 -10.07 -15.59
CA LEU B 163 -1.25 -10.39 -17.02
C LEU B 163 -2.59 -10.80 -17.60
N TYR B 164 -3.40 -11.56 -16.84
CA TYR B 164 -4.73 -11.90 -17.31
C TYR B 164 -5.62 -10.68 -17.48
N TYR B 165 -5.53 -9.71 -16.57
CA TYR B 165 -6.36 -8.52 -16.70
C TYR B 165 -5.89 -7.66 -17.86
N VAL B 166 -4.57 -7.59 -18.09
CA VAL B 166 -4.07 -6.84 -19.23
C VAL B 166 -4.54 -7.49 -20.53
N GLU B 167 -4.54 -8.82 -20.59
CA GLU B 167 -5.05 -9.52 -21.77
C GLU B 167 -6.51 -9.17 -22.05
N GLU B 168 -7.32 -9.04 -21.01
CA GLU B 168 -8.72 -8.63 -21.19
C GLU B 168 -8.81 -7.22 -21.77
N LEU B 169 -7.87 -6.35 -21.44
CA LEU B 169 -7.90 -4.98 -21.94
C LEU B 169 -7.42 -4.90 -23.38
N ASP B 170 -6.32 -5.56 -23.69
CA ASP B 170 -5.74 -5.52 -25.03
C ASP B 170 -4.74 -6.67 -25.11
N SER B 171 -5.08 -7.70 -25.88
CA SER B 171 -4.25 -8.89 -25.96
C SER B 171 -2.92 -8.64 -26.66
N SER B 172 -2.75 -7.50 -27.32
CA SER B 172 -1.48 -7.20 -27.98
C SER B 172 -0.43 -6.62 -27.03
N LEU B 173 -0.82 -6.17 -25.83
CA LEU B 173 0.13 -5.43 -25.01
C LEU B 173 1.33 -6.28 -24.59
N ILE B 174 1.12 -7.57 -24.37
CA ILE B 174 2.20 -8.46 -23.95
C ILE B 174 3.04 -8.96 -25.11
N SER B 175 2.67 -8.67 -26.35
CA SER B 175 3.25 -9.37 -27.49
C SER B 175 4.76 -9.19 -27.62
N SER B 176 5.31 -8.04 -27.23
CA SER B 176 6.74 -7.80 -27.36
C SER B 176 7.52 -8.19 -26.11
N PHE B 177 6.91 -8.95 -25.20
CA PHE B 177 7.52 -9.33 -23.93
C PHE B 177 7.49 -10.84 -23.79
N PRO B 178 8.43 -11.54 -24.46
CA PRO B 178 8.38 -13.01 -24.45
C PRO B 178 8.65 -13.63 -23.09
N LEU B 179 9.48 -13.01 -22.24
CA LEU B 179 9.68 -13.60 -20.92
C LEU B 179 8.42 -13.51 -20.07
N LEU B 180 7.65 -12.42 -20.22
CA LEU B 180 6.38 -12.35 -19.53
C LEU B 180 5.39 -13.39 -20.05
N LYS B 181 5.35 -13.60 -21.38
CA LYS B 181 4.49 -14.64 -21.94
C LYS B 181 4.84 -16.00 -21.37
N ALA B 182 6.15 -16.29 -21.27
CA ALA B 182 6.61 -17.57 -20.77
C ALA B 182 6.28 -17.74 -19.29
N LEU B 183 6.39 -16.67 -18.50
CA LEU B 183 6.02 -16.75 -17.09
C LEU B 183 4.53 -17.04 -16.96
N LYS B 184 3.71 -16.36 -17.74
CA LYS B 184 2.27 -16.58 -17.69
C LYS B 184 1.94 -18.05 -17.92
N THR B 185 2.59 -18.66 -18.92
CA THR B 185 2.34 -20.07 -19.21
C THR B 185 2.81 -20.97 -18.07
N ARG B 186 4.04 -20.78 -17.59
N ARG B 186 4.04 -20.77 -17.60
CA ARG B 186 4.57 -21.63 -16.52
CA ARG B 186 4.59 -21.58 -16.53
C ARG B 186 3.71 -21.55 -15.26
C ARG B 186 3.70 -21.54 -15.30
N ILE B 187 3.36 -20.34 -14.84
CA ILE B 187 2.58 -20.21 -13.62
C ILE B 187 1.17 -20.78 -13.82
N SER B 188 0.58 -20.55 -14.99
CA SER B 188 -0.77 -21.03 -15.25
C SER B 188 -0.83 -22.55 -15.31
N ASN B 189 0.29 -23.22 -15.46
N ASN B 189 0.30 -23.21 -15.49
CA ASN B 189 0.32 -24.68 -15.54
CA ASN B 189 0.36 -24.67 -15.55
C ASN B 189 0.81 -25.33 -14.25
C ASN B 189 0.63 -25.32 -14.21
N LEU B 190 1.03 -24.56 -13.19
CA LEU B 190 1.22 -25.14 -11.88
C LEU B 190 -0.10 -25.73 -11.42
N PRO B 191 -0.11 -26.93 -10.84
CA PRO B 191 -1.39 -27.60 -10.54
C PRO B 191 -2.41 -26.76 -9.81
N THR B 192 -2.03 -26.06 -8.74
CA THR B 192 -3.00 -25.28 -7.99
C THR B 192 -3.54 -24.11 -8.82
N VAL B 193 -2.68 -23.46 -9.59
CA VAL B 193 -3.13 -22.34 -10.41
C VAL B 193 -3.99 -22.82 -11.57
N LYS B 194 -3.59 -23.94 -12.20
CA LYS B 194 -4.39 -24.50 -13.28
C LYS B 194 -5.79 -24.83 -12.80
N LYS B 195 -5.90 -25.38 -11.60
CA LYS B 195 -7.21 -25.68 -11.03
C LYS B 195 -8.04 -24.41 -10.80
N PHE B 196 -7.39 -23.34 -10.31
CA PHE B 196 -8.12 -22.08 -10.08
C PHE B 196 -8.56 -21.44 -11.40
N LEU B 197 -7.81 -21.65 -12.48
CA LEU B 197 -8.17 -21.08 -13.77
C LEU B 197 -9.28 -21.86 -14.47
N GLN B 198 -9.54 -23.09 -14.05
N GLN B 198 -9.58 -23.07 -14.03
CA GLN B 198 -10.53 -23.88 -14.75
CA GLN B 198 -10.53 -23.89 -14.75
C GLN B 198 -11.93 -23.35 -14.45
C GLN B 198 -11.93 -23.42 -14.41
N PRO B 199 -12.88 -23.68 -15.31
CA PRO B 199 -14.27 -23.27 -15.04
C PRO B 199 -14.75 -23.82 -13.70
N GLY B 200 -15.61 -23.05 -13.04
CA GLY B 200 -16.24 -23.48 -11.81
C GLY B 200 -15.47 -23.21 -10.54
N SER B 201 -14.30 -22.60 -10.62
CA SER B 201 -13.52 -22.28 -9.42
C SER B 201 -14.08 -21.00 -8.81
N PRO B 202 -13.51 -20.56 -7.67
CA PRO B 202 -13.92 -19.29 -7.07
C PRO B 202 -13.42 -18.06 -7.83
N ARG B 203 -12.63 -18.24 -8.87
N ARG B 203 -12.69 -18.25 -8.92
CA ARG B 203 -12.19 -17.11 -9.67
CA ARG B 203 -12.16 -17.13 -9.68
C ARG B 203 -13.40 -16.32 -10.16
C ARG B 203 -13.30 -16.34 -10.32
N LYS B 204 -13.29 -14.99 -10.13
CA LYS B 204 -14.43 -14.15 -10.47
C LYS B 204 -14.25 -13.50 -11.84
N PRO B 205 -15.36 -13.17 -12.51
CA PRO B 205 -15.29 -12.61 -13.85
C PRO B 205 -15.04 -11.12 -13.81
N PRO B 206 -14.77 -10.49 -14.96
CA PRO B 206 -14.75 -9.03 -15.02
C PRO B 206 -16.08 -8.46 -14.56
N MET B 207 -16.01 -7.33 -13.86
N MET B 207 -16.03 -7.31 -13.90
CA MET B 207 -17.22 -6.66 -13.42
CA MET B 207 -17.24 -6.72 -13.34
C MET B 207 -18.03 -6.22 -14.62
C MET B 207 -18.09 -6.08 -14.45
N ASP B 208 -19.32 -6.58 -14.62
CA ASP B 208 -20.24 -6.05 -15.61
C ASP B 208 -21.12 -4.96 -14.98
N GLU B 209 -22.06 -4.44 -15.77
CA GLU B 209 -22.83 -3.28 -15.31
C GLU B 209 -23.72 -3.64 -14.12
N LYS B 210 -24.32 -4.82 -14.14
CA LYS B 210 -25.18 -5.24 -13.03
C LYS B 210 -24.37 -5.40 -11.75
N SER B 211 -23.13 -5.89 -11.86
CA SER B 211 -22.30 -6.02 -10.67
C SER B 211 -21.88 -4.67 -10.12
N LEU B 212 -21.57 -3.72 -11.00
CA LEU B 212 -21.24 -2.37 -10.53
C LEU B 212 -22.45 -1.73 -9.84
N GLU B 213 -23.65 -1.94 -10.40
CA GLU B 213 -24.85 -1.42 -9.76
C GLU B 213 -25.03 -2.02 -8.36
N GLU B 214 -24.75 -3.32 -8.22
CA GLU B 214 -24.76 -3.93 -6.88
C GLU B 214 -23.75 -3.28 -5.96
N ALA B 215 -22.54 -3.01 -6.46
CA ALA B 215 -21.53 -2.36 -5.62
C ALA B 215 -22.01 -1.00 -5.14
N ARG B 216 -22.64 -0.22 -6.03
CA ARG B 216 -23.11 1.10 -5.65
C ARG B 216 -24.16 1.02 -4.55
N LYS B 217 -25.02 0.00 -4.58
CA LYS B 217 -26.02 -0.16 -3.53
C LYS B 217 -25.38 -0.59 -2.22
N ILE B 218 -24.49 -1.58 -2.28
CA ILE B 218 -23.88 -2.12 -1.06
C ILE B 218 -23.05 -1.05 -0.37
N PHE B 219 -22.21 -0.36 -1.13
CA PHE B 219 -21.23 0.56 -0.55
C PHE B 219 -21.68 2.00 -0.58
N ARG B 220 -22.88 2.28 -1.11
CA ARG B 220 -23.51 3.59 -1.01
C ARG B 220 -22.65 4.68 -1.69
N PHE B 221 -22.48 4.52 -2.99
CA PHE B 221 -21.75 5.51 -3.77
C PHE B 221 -22.31 5.60 -5.19
#